data_2ZIQ
#
_entry.id   2ZIQ
#
_cell.length_a   70.2
_cell.length_b   71.6
_cell.length_c   72.3
_cell.angle_alpha   90.00
_cell.angle_beta   100.3
_cell.angle_gamma   90.00
#
_symmetry.space_group_name_H-M   'C 1 2 1'
#
loop_
_entity.id
_entity.type
_entity.pdbx_description
1 polymer 'Thrombin light chain'
2 polymer 'Thrombin heavy chain'
3 polymer 'Hirudin variant-1'
4 non-polymer N-(4-carbamimidoylbenzyl)-1-(4-methylpentanoyl)-L-prolinamide
5 non-polymer 'SODIUM ION'
6 non-polymer BENZAMIDINE
7 water water
#
loop_
_entity_poly.entity_id
_entity_poly.type
_entity_poly.pdbx_seq_one_letter_code
_entity_poly.pdbx_strand_id
1 'polypeptide(L)' TFGSGEADCGLRPLFEKKSLEDKTERELLESYIDGR L
2 'polypeptide(L)'
;IVEGSDAEIGMSPWQVMLFRKSPQELLCGASLISDRWVLTAAHCLLYPPWDKNFTENDLLVRIGKHSRTRYERNIEKISM
LEKIYIHPRYNWRENLDRDIALMKLKKPVAFSDYIHPVCLPDRETAASLLQAGYKGRVTGWGNLKETWTANVGKGQPSVL
QVVNLPIVERPVCKDSTRIRITDNMFCAGYKPDEGKRGDACEGDSGGPFVMKSPFNNRWYQMGIVSWGEGCDRDGKYGFY
THVFRLKKWIQKVIDQFGE
;
H
3 'polypeptide(L)' GDFEEIPEE(TYS)L I
#
# COMPACT_ATOMS: atom_id res chain seq x y z
N GLU A 6 15.55 -6.11 -6.25
CA GLU A 6 15.73 -7.56 -6.36
C GLU A 6 15.40 -8.05 -7.76
N ALA A 7 16.04 -9.15 -8.13
CA ALA A 7 15.94 -9.80 -9.43
C ALA A 7 14.50 -10.21 -9.78
N ASP A 8 13.86 -10.80 -8.80
CA ASP A 8 12.58 -11.46 -8.83
C ASP A 8 11.39 -10.64 -8.36
N CYS A 9 11.56 -9.34 -8.10
CA CYS A 9 10.43 -8.58 -7.58
C CYS A 9 9.20 -8.66 -8.46
N GLY A 10 8.03 -8.55 -7.84
CA GLY A 10 6.87 -8.31 -8.66
C GLY A 10 6.29 -9.55 -9.32
N LEU A 11 6.87 -10.71 -9.11
CA LEU A 11 6.43 -11.99 -9.64
C LEU A 11 5.93 -12.87 -8.51
N ARG A 12 4.62 -13.07 -8.46
CA ARG A 12 4.05 -13.75 -7.30
C ARG A 12 4.21 -15.25 -7.44
N PRO A 13 4.68 -15.91 -6.39
CA PRO A 13 4.85 -17.37 -6.42
C PRO A 13 3.60 -18.12 -6.81
N LEU A 14 2.41 -17.66 -6.40
CA LEU A 14 1.21 -18.47 -6.61
C LEU A 14 0.48 -18.04 -7.87
N PHE A 15 1.01 -17.06 -8.59
CA PHE A 15 0.36 -16.55 -9.79
C PHE A 15 1.37 -16.45 -10.93
N GLU A 16 2.09 -15.35 -11.13
CA GLU A 16 3.01 -15.30 -12.27
C GLU A 16 4.01 -16.45 -12.30
N LYS A 17 4.53 -16.87 -11.15
CA LYS A 17 5.58 -17.90 -11.20
C LYS A 17 5.01 -19.25 -11.65
N LYS A 18 3.71 -19.45 -11.56
CA LYS A 18 3.02 -20.67 -11.99
C LYS A 18 2.22 -20.45 -13.27
N SER A 19 2.32 -19.26 -13.87
CA SER A 19 1.48 -18.90 -15.00
CA SER A 19 1.47 -18.82 -14.99
C SER A 19 -0.01 -18.99 -14.68
N LEU A 20 -0.39 -18.60 -13.46
CA LEU A 20 -1.79 -18.58 -13.07
C LEU A 20 -2.19 -17.10 -12.97
N GLU A 21 -3.37 -16.75 -13.45
CA GLU A 21 -3.85 -15.37 -13.32
C GLU A 21 -4.84 -15.26 -12.16
N ASP A 22 -4.79 -14.09 -11.50
CA ASP A 22 -5.81 -13.90 -10.48
C ASP A 22 -7.11 -13.45 -11.15
N LYS A 23 -8.19 -13.46 -10.39
CA LYS A 23 -9.52 -13.25 -10.94
C LYS A 23 -9.78 -11.87 -11.50
N THR A 24 -8.99 -10.82 -11.18
CA THR A 24 -9.37 -9.56 -11.77
C THR A 24 -8.18 -8.84 -12.40
N GLU A 25 -7.00 -9.48 -12.49
CA GLU A 25 -5.89 -8.72 -13.06
C GLU A 25 -6.16 -8.30 -14.50
N ARG A 26 -7.03 -9.04 -15.19
CA ARG A 26 -7.26 -8.70 -16.60
C ARG A 26 -7.94 -7.34 -16.75
N GLU A 27 -8.75 -6.94 -15.76
CA GLU A 27 -9.34 -5.61 -15.69
C GLU A 27 -8.26 -4.54 -15.79
N LEU A 28 -7.13 -4.76 -15.08
CA LEU A 28 -6.05 -3.76 -15.20
C LEU A 28 -5.48 -3.74 -16.61
N LEU A 29 -5.10 -4.91 -17.13
CA LEU A 29 -4.54 -4.98 -18.48
C LEU A 29 -5.45 -4.29 -19.51
N GLU A 30 -6.75 -4.57 -19.44
CA GLU A 30 -7.64 -4.01 -20.45
C GLU A 30 -7.73 -2.48 -20.37
N SER A 31 -7.33 -1.89 -19.23
CA SER A 31 -7.39 -0.42 -19.11
C SER A 31 -6.13 0.20 -19.67
N TYR A 32 -5.09 -0.59 -19.93
CA TYR A 32 -3.82 -0.03 -20.41
C TYR A 32 -3.84 0.09 -21.92
N ILE A 33 -4.60 1.07 -22.40
CA ILE A 33 -4.82 1.17 -23.85
C ILE A 33 -3.77 2.06 -24.53
N ILE B 1 -10.91 -0.87 2.95
CA ILE B 1 -11.29 -0.88 1.55
C ILE B 1 -12.82 -0.96 1.43
N VAL B 2 -13.39 0.01 0.77
CA VAL B 2 -14.82 0.12 0.52
C VAL B 2 -15.18 -0.44 -0.86
N GLU B 3 -16.13 -1.39 -0.88
CA GLU B 3 -16.65 -1.87 -2.15
C GLU B 3 -15.61 -2.69 -2.91
N GLY B 4 -14.75 -3.31 -2.10
CA GLY B 4 -13.74 -4.21 -2.66
C GLY B 4 -14.22 -5.65 -2.55
N SER B 5 -13.32 -6.60 -2.73
CA SER B 5 -13.57 -8.02 -2.47
C SER B 5 -12.50 -8.69 -1.63
N ASP B 6 -12.77 -9.90 -1.12
CA ASP B 6 -11.74 -10.65 -0.44
C ASP B 6 -10.57 -10.93 -1.39
N ALA B 7 -9.35 -10.75 -0.89
CA ALA B 7 -8.21 -11.13 -1.71
C ALA B 7 -8.15 -12.64 -1.91
N GLU B 8 -7.51 -13.08 -2.98
CA GLU B 8 -7.13 -14.48 -3.17
C GLU B 8 -5.88 -14.79 -2.36
N ILE B 9 -5.68 -16.05 -1.96
CA ILE B 9 -4.44 -16.38 -1.26
C ILE B 9 -3.23 -16.08 -2.12
N GLY B 10 -2.23 -15.39 -1.56
CA GLY B 10 -1.02 -15.04 -2.28
C GLY B 10 -1.16 -13.98 -3.37
N MET B 11 -2.31 -13.32 -3.43
CA MET B 11 -2.55 -12.29 -4.44
C MET B 11 -1.71 -11.01 -4.27
N SER B 12 -1.38 -10.70 -3.02
CA SER B 12 -0.60 -9.50 -2.67
C SER B 12 0.50 -9.82 -1.67
N PRO B 13 1.50 -10.61 -2.06
CA PRO B 13 2.44 -11.20 -1.11
C PRO B 13 3.46 -10.18 -0.61
N TRP B 14 3.37 -8.95 -1.14
CA TRP B 14 4.13 -7.83 -0.62
C TRP B 14 3.36 -7.05 0.45
N GLN B 15 2.11 -7.35 0.70
CA GLN B 15 1.29 -6.66 1.70
C GLN B 15 1.83 -6.86 3.11
N VAL B 16 1.93 -5.74 3.82
CA VAL B 16 2.50 -5.77 5.19
C VAL B 16 1.49 -5.12 6.10
N MET B 17 1.36 -5.67 7.31
CA MET B 17 0.50 -5.06 8.33
C MET B 17 1.43 -4.44 9.37
N LEU B 18 1.28 -3.14 9.63
CA LEU B 18 1.95 -2.43 10.71
C LEU B 18 1.09 -2.64 11.96
N PHE B 19 1.67 -3.18 13.02
CA PHE B 19 0.86 -3.68 14.13
C PHE B 19 1.38 -3.09 15.44
N ARG B 20 0.47 -2.60 16.27
CA ARG B 20 0.89 -2.00 17.54
C ARG B 20 1.23 -3.08 18.57
N LYS B 21 2.30 -2.89 19.34
CA LYS B 21 2.68 -3.86 20.37
C LYS B 21 1.68 -3.83 21.52
N SER B 22 1.36 -2.64 22.03
CA SER B 22 0.39 -2.59 23.13
C SER B 22 -0.40 -1.30 23.11
N PRO B 23 -1.72 -1.31 22.97
CA PRO B 23 -2.52 -2.52 22.82
C PRO B 23 -2.38 -3.09 21.40
N GLN B 24 -2.47 -4.41 21.31
CA GLN B 24 -2.22 -5.08 20.03
C GLN B 24 -3.31 -4.74 19.03
N GLU B 25 -2.95 -3.98 17.99
CA GLU B 25 -3.96 -3.65 17.01
C GLU B 25 -3.30 -3.23 15.68
N LEU B 26 -4.12 -3.25 14.65
CA LEU B 26 -3.63 -2.81 13.34
C LEU B 26 -3.32 -1.33 13.41
N LEU B 27 -2.19 -0.91 12.86
CA LEU B 27 -2.03 0.54 12.78
C LEU B 27 -2.18 1.02 11.35
N CYS B 28 -1.68 0.20 10.41
CA CYS B 28 -1.59 0.70 9.03
C CYS B 28 -1.21 -0.46 8.10
N GLY B 29 -1.33 -0.17 6.80
CA GLY B 29 -0.77 -1.09 5.79
C GLY B 29 0.63 -0.62 5.46
N ALA B 30 1.30 -1.36 4.58
CA ALA B 30 2.70 -1.16 4.24
C ALA B 30 3.06 -2.17 3.13
N SER B 31 4.27 -2.09 2.62
CA SER B 31 4.65 -3.04 1.57
C SER B 31 6.09 -3.47 1.72
N LEU B 32 6.31 -4.72 1.30
CA LEU B 32 7.66 -5.28 1.29
C LEU B 32 8.38 -4.96 -0.02
N ILE B 33 9.53 -4.29 0.05
CA ILE B 33 10.24 -3.94 -1.18
C ILE B 33 11.59 -4.64 -1.28
N SER B 34 12.00 -5.37 -0.24
CA SER B 34 13.16 -6.26 -0.40
C SER B 34 13.17 -7.17 0.83
N ASP B 35 14.21 -7.98 1.09
CA ASP B 35 14.14 -8.83 2.28
C ASP B 35 14.30 -8.06 3.58
N ARG B 36 14.72 -6.78 3.53
CA ARG B 36 14.82 -6.07 4.81
C ARG B 36 14.16 -4.70 4.80
N TRP B 37 13.45 -4.30 3.72
CA TRP B 37 12.90 -2.94 3.72
C TRP B 37 11.39 -2.94 3.48
N VAL B 38 10.69 -2.12 4.25
CA VAL B 38 9.24 -2.01 4.18
C VAL B 38 8.92 -0.53 3.92
N LEU B 39 7.98 -0.28 3.03
CA LEU B 39 7.56 1.05 2.61
C LEU B 39 6.21 1.36 3.22
N THR B 40 6.00 2.56 3.78
CA THR B 40 4.66 2.91 4.27
C THR B 40 4.44 4.43 4.11
N ALA B 41 3.33 4.89 4.66
CA ALA B 41 3.02 6.33 4.65
C ALA B 41 3.67 6.97 5.88
N ALA B 42 4.20 8.17 5.72
CA ALA B 42 4.76 8.83 6.90
C ALA B 42 3.71 9.07 7.97
N HIS B 43 2.48 9.38 7.61
CA HIS B 43 1.46 9.69 8.62
C HIS B 43 1.11 8.49 9.49
N CYS B 44 1.45 7.27 9.06
CA CYS B 44 1.26 6.09 9.91
C CYS B 44 2.13 6.16 11.15
N LEU B 45 3.24 6.86 11.04
CA LEU B 45 4.24 6.93 12.10
C LEU B 45 4.28 8.29 12.78
N LEU B 46 4.10 9.36 12.03
CA LEU B 46 4.21 10.70 12.61
C LEU B 46 3.04 11.58 12.22
N TYR B 47 2.22 12.05 13.14
CA TYR B 47 1.14 12.93 12.76
C TYR B 47 0.72 13.73 14.02
N PRO B 48 1.51 14.78 14.24
CA PRO B 48 1.31 15.63 15.44
C PRO B 48 -0.08 16.12 15.67
N PRO B 49 -0.92 16.50 14.72
CA PRO B 49 -2.28 16.92 15.06
C PRO B 49 -3.05 15.87 15.84
N TRP B 50 -2.67 14.62 15.66
CA TRP B 50 -3.37 13.52 16.37
C TRP B 50 -2.48 12.94 17.46
N ASP B 51 -1.43 13.67 17.78
CA ASP B 51 -0.47 13.21 18.78
C ASP B 51 0.09 11.85 18.40
N LYS B 52 0.32 11.65 17.11
CA LYS B 52 0.89 10.36 16.71
C LYS B 52 2.37 10.53 16.45
N ASN B 53 3.20 9.77 17.13
CA ASN B 53 4.64 9.75 16.95
C ASN B 53 5.20 8.40 17.36
N PHE B 54 5.25 7.41 16.48
CA PHE B 54 5.69 6.09 16.97
C PHE B 54 7.18 5.89 16.80
N THR B 55 7.79 5.12 17.70
CA THR B 55 9.21 4.81 17.59
C THR B 55 9.35 3.32 17.21
N GLU B 56 10.54 2.92 16.81
CA GLU B 56 10.82 1.54 16.40
C GLU B 56 10.19 0.55 17.36
N ASN B 57 10.34 0.77 18.67
CA ASN B 57 9.98 -0.29 19.60
C ASN B 57 8.49 -0.33 19.91
N ASP B 58 7.72 0.61 19.38
CA ASP B 58 6.28 0.60 19.56
C ASP B 58 5.57 -0.38 18.62
N LEU B 59 6.30 -0.83 17.62
CA LEU B 59 5.75 -1.49 16.46
C LEU B 59 6.36 -2.83 16.08
N LEU B 60 5.52 -3.63 15.42
CA LEU B 60 5.93 -4.80 14.67
C LEU B 60 5.38 -4.77 13.22
N VAL B 61 6.07 -5.49 12.35
CA VAL B 61 5.60 -5.70 10.98
C VAL B 61 5.16 -7.16 10.80
N ARG B 62 3.97 -7.34 10.23
CA ARG B 62 3.51 -8.74 10.06
C ARG B 62 3.37 -8.98 8.55
N ILE B 63 4.07 -10.00 8.05
CA ILE B 63 4.15 -10.19 6.60
C ILE B 63 3.58 -11.54 6.20
N GLY B 64 3.01 -11.67 5.01
CA GLY B 64 2.43 -12.94 4.58
C GLY B 64 1.03 -13.13 5.06
N LYS B 65 0.33 -12.11 5.58
CA LYS B 65 -0.97 -12.31 6.16
C LYS B 65 -2.13 -12.26 5.18
N HIS B 66 -3.23 -12.83 5.63
CA HIS B 66 -4.49 -12.80 4.90
C HIS B 66 -5.60 -12.38 5.84
N SER B 67 -5.69 -13.15 6.92
CA SER B 67 -6.62 -12.79 7.99
C SER B 67 -6.16 -11.52 8.69
N ARG B 68 -7.11 -10.66 8.96
CA ARG B 68 -6.83 -9.43 9.71
C ARG B 68 -6.49 -9.76 11.16
N THR B 69 -7.39 -10.47 11.87
CA THR B 69 -7.19 -10.67 13.31
C THR B 69 -6.39 -11.90 13.70
N ARG B 70 -6.47 -12.93 12.86
CA ARG B 70 -5.91 -14.20 13.29
C ARG B 70 -4.39 -14.22 13.29
N TYR B 71 -3.80 -15.01 14.18
CA TYR B 71 -2.37 -15.26 14.13
C TYR B 71 -2.14 -16.43 13.17
N GLU B 72 -1.50 -16.17 12.04
CA GLU B 72 -1.51 -17.16 10.95
C GLU B 72 -0.25 -17.96 10.97
N ARG B 73 -0.37 -18.98 11.85
CA ARG B 73 0.74 -19.86 12.18
C ARG B 73 1.30 -20.59 10.96
N ASN B 74 2.62 -20.64 10.86
CA ASN B 74 3.32 -21.34 9.81
C ASN B 74 3.26 -20.58 8.48
N ILE B 75 2.60 -19.43 8.53
CA ILE B 75 2.42 -18.66 7.30
C ILE B 75 2.90 -17.23 7.46
N GLU B 76 2.30 -16.45 8.36
CA GLU B 76 2.86 -15.08 8.50
C GLU B 76 4.20 -15.10 9.19
N LYS B 77 4.98 -14.04 8.97
CA LYS B 77 6.21 -13.81 9.70
C LYS B 77 6.14 -12.44 10.39
N ILE B 78 6.67 -12.35 11.59
CA ILE B 78 6.59 -11.11 12.39
C ILE B 78 7.98 -10.59 12.61
N SER B 79 8.19 -9.31 12.30
CA SER B 79 9.53 -8.76 12.19
C SER B 79 9.64 -7.48 13.05
N MET B 80 10.79 -7.30 13.68
CA MET B 80 11.06 -6.11 14.48
C MET B 80 11.71 -5.03 13.63
N LEU B 81 11.50 -3.78 14.04
CA LEU B 81 12.11 -2.69 13.29
C LEU B 81 13.48 -2.30 13.86
N GLU B 82 14.45 -2.19 12.97
CA GLU B 82 15.74 -1.65 13.35
C GLU B 82 15.72 -0.12 13.31
N LYS B 83 15.09 0.44 12.28
CA LYS B 83 15.10 1.89 12.18
C LYS B 83 13.98 2.39 11.26
N ILE B 84 13.41 3.54 11.60
CA ILE B 84 12.40 4.23 10.81
C ILE B 84 12.99 5.44 10.12
N TYR B 85 12.75 5.65 8.82
CA TYR B 85 13.20 6.83 8.08
C TYR B 85 11.98 7.56 7.51
N ILE B 86 11.75 8.79 7.92
CA ILE B 86 10.65 9.59 7.35
C ILE B 86 11.20 10.62 6.37
N HIS B 87 10.53 10.89 5.25
CA HIS B 87 10.98 11.92 4.33
C HIS B 87 11.21 13.23 5.08
N PRO B 88 12.36 13.85 4.87
CA PRO B 88 12.67 15.09 5.60
C PRO B 88 11.73 16.23 5.22
N ARG B 89 11.08 16.16 4.06
CA ARG B 89 10.17 17.25 3.72
C ARG B 89 8.71 16.81 3.70
N TYR B 90 8.37 15.76 4.41
CA TYR B 90 6.99 15.35 4.67
C TYR B 90 6.20 16.48 5.30
N ASN B 91 5.15 16.93 4.66
CA ASN B 91 4.38 18.10 5.09
C ASN B 91 3.15 17.70 5.86
N TRP B 92 3.30 17.37 7.15
CA TRP B 92 2.14 17.00 7.95
C TRP B 92 1.32 18.24 8.32
N ARG B 93 1.89 19.42 8.17
CA ARG B 93 1.16 20.62 8.64
C ARG B 93 0.05 21.02 7.69
N GLU B 94 0.25 20.76 6.40
CA GLU B 94 -0.74 21.23 5.43
C GLU B 94 -1.49 20.14 4.69
N ASN B 95 -0.76 19.42 3.82
CA ASN B 95 -1.50 18.55 2.91
C ASN B 95 -0.91 17.16 2.74
N LEU B 96 -0.03 16.76 3.65
CA LEU B 96 0.59 15.43 3.59
C LEU B 96 1.47 15.28 2.37
N ASP B 97 1.99 16.36 1.81
CA ASP B 97 2.98 16.25 0.74
C ASP B 97 4.15 15.37 1.16
N ARG B 98 4.60 14.47 0.27
CA ARG B 98 5.70 13.56 0.48
C ARG B 98 5.40 12.64 1.65
N ASP B 99 4.21 12.02 1.63
CA ASP B 99 3.75 11.12 2.69
C ASP B 99 4.40 9.77 2.53
N ILE B 100 5.65 9.61 2.95
CA ILE B 100 6.35 8.35 2.66
C ILE B 100 7.35 8.09 3.77
N ALA B 101 7.56 6.82 4.12
CA ALA B 101 8.49 6.45 5.18
C ALA B 101 9.07 5.09 4.83
N LEU B 102 10.30 4.81 5.20
CA LEU B 102 10.93 3.52 5.08
C LEU B 102 11.19 2.90 6.45
N MET B 103 11.00 1.58 6.53
CA MET B 103 11.32 0.87 7.77
C MET B 103 12.31 -0.24 7.44
N LYS B 104 13.38 -0.29 8.22
CA LYS B 104 14.41 -1.31 8.06
C LYS B 104 14.19 -2.39 9.11
N LEU B 105 14.16 -3.65 8.67
CA LEU B 105 13.88 -4.73 9.63
C LEU B 105 15.17 -5.16 10.34
N LYS B 106 14.96 -5.63 11.56
CA LYS B 106 16.08 -6.12 12.37
C LYS B 106 16.77 -7.30 11.68
N LYS B 107 16.01 -8.21 11.08
CA LYS B 107 16.61 -9.32 10.33
C LYS B 107 15.85 -9.52 9.02
N PRO B 108 16.48 -10.10 8.02
CA PRO B 108 15.79 -10.34 6.74
C PRO B 108 14.63 -11.30 6.91
N VAL B 109 13.55 -11.13 6.15
CA VAL B 109 12.40 -12.03 6.24
C VAL B 109 12.57 -13.10 5.18
N ALA B 110 12.10 -14.33 5.47
CA ALA B 110 12.27 -15.36 4.44
C ALA B 110 11.13 -15.29 3.42
N PHE B 111 11.50 -15.27 2.14
CA PHE B 111 10.43 -15.24 1.14
C PHE B 111 9.76 -16.62 1.12
N SER B 112 8.56 -16.62 0.59
CA SER B 112 7.73 -17.82 0.59
C SER B 112 6.61 -17.70 -0.42
N ASP B 113 5.70 -18.66 -0.44
CA ASP B 113 4.56 -18.52 -1.33
C ASP B 113 3.73 -17.28 -1.00
N TYR B 114 3.80 -16.80 0.23
CA TYR B 114 2.89 -15.76 0.70
C TYR B 114 3.61 -14.44 1.00
N ILE B 115 4.92 -14.46 0.87
CA ILE B 115 5.84 -13.36 1.16
C ILE B 115 6.81 -13.14 0.03
N HIS B 116 6.66 -11.99 -0.65
CA HIS B 116 7.50 -11.71 -1.80
C HIS B 116 7.51 -10.22 -2.11
N PRO B 117 8.61 -9.59 -2.48
CA PRO B 117 8.60 -8.14 -2.66
C PRO B 117 8.00 -7.66 -3.97
N VAL B 118 7.45 -6.44 -3.91
CA VAL B 118 6.90 -5.78 -5.09
C VAL B 118 7.99 -4.98 -5.78
N CYS B 119 7.88 -4.66 -7.06
CA CYS B 119 8.89 -3.78 -7.66
C CYS B 119 8.56 -2.30 -7.43
N LEU B 120 9.66 -1.53 -7.45
CA LEU B 120 9.44 -0.09 -7.47
C LEU B 120 9.72 0.38 -8.89
N PRO B 121 8.94 1.36 -9.35
CA PRO B 121 8.99 1.80 -10.74
C PRO B 121 10.26 2.55 -11.12
N ASP B 122 10.70 2.26 -12.34
CA ASP B 122 11.71 3.13 -12.94
C ASP B 122 10.99 4.21 -13.71
N ARG B 123 11.72 5.17 -14.26
CA ARG B 123 11.07 6.28 -14.96
C ARG B 123 10.18 5.85 -16.10
N GLU B 124 10.58 4.83 -16.87
CA GLU B 124 9.84 4.56 -18.11
C GLU B 124 8.54 3.84 -17.76
N THR B 125 8.60 2.91 -16.81
CA THR B 125 7.35 2.29 -16.33
C THR B 125 6.41 3.34 -15.78
N ALA B 126 6.94 4.28 -15.00
CA ALA B 126 6.02 5.27 -14.41
C ALA B 126 5.37 6.09 -15.52
N ALA B 127 6.19 6.42 -16.52
CA ALA B 127 5.61 7.28 -17.57
C ALA B 127 4.55 6.53 -18.35
N SER B 128 4.78 5.24 -18.60
CA SER B 128 3.81 4.48 -19.38
C SER B 128 2.53 4.17 -18.63
N LEU B 129 2.63 3.93 -17.33
CA LEU B 129 1.45 3.46 -16.61
C LEU B 129 0.66 4.53 -15.86
N LEU B 130 1.32 5.61 -15.44
CA LEU B 130 0.54 6.61 -14.69
C LEU B 130 -0.22 7.56 -15.58
N GLN B 131 -1.27 7.04 -16.19
CA GLN B 131 -2.11 7.77 -17.12
C GLN B 131 -3.56 7.70 -16.67
N ALA B 132 -4.27 8.82 -16.81
CA ALA B 132 -5.69 8.81 -16.50
C ALA B 132 -6.44 7.68 -17.18
N GLY B 133 -7.28 6.95 -16.44
CA GLY B 133 -8.05 5.86 -16.96
C GLY B 133 -7.35 4.52 -16.71
N TYR B 134 -6.02 4.50 -16.58
CA TYR B 134 -5.38 3.21 -16.32
C TYR B 134 -5.67 2.78 -14.88
N LYS B 135 -5.93 1.49 -14.69
CA LYS B 135 -6.30 1.02 -13.35
C LYS B 135 -5.10 0.44 -12.60
N GLY B 136 -5.10 0.72 -11.30
CA GLY B 136 -4.23 0.04 -10.35
C GLY B 136 -5.07 -0.70 -9.33
N ARG B 137 -4.41 -1.27 -8.34
CA ARG B 137 -5.07 -2.11 -7.36
C ARG B 137 -4.66 -1.69 -5.96
N VAL B 138 -5.59 -1.57 -5.03
CA VAL B 138 -5.17 -1.18 -3.69
CA VAL B 138 -5.21 -1.17 -3.68
C VAL B 138 -5.68 -2.27 -2.75
N THR B 139 -4.93 -2.58 -1.71
CA THR B 139 -5.25 -3.65 -0.78
C THR B 139 -5.11 -3.17 0.65
N GLY B 140 -5.93 -3.77 1.52
CA GLY B 140 -5.69 -3.37 2.93
C GLY B 140 -6.70 -4.03 3.85
N TRP B 141 -6.47 -3.86 5.16
CA TRP B 141 -7.44 -4.42 6.11
C TRP B 141 -8.23 -3.30 6.78
N GLY B 142 -8.29 -2.14 6.14
CA GLY B 142 -9.00 -1.02 6.74
C GLY B 142 -10.49 -1.13 6.70
N ASN B 143 -11.20 -0.08 7.15
CA ASN B 143 -12.65 -0.12 7.16
C ASN B 143 -13.33 -0.41 5.83
N LEU B 144 -14.43 -1.17 5.96
CA LEU B 144 -15.31 -1.45 4.83
C LEU B 144 -16.23 -0.30 4.50
N LYS B 145 -16.26 0.73 5.39
CA LYS B 145 -17.14 1.86 5.10
C LYS B 145 -16.80 3.04 6.00
N GLU B 146 -17.20 4.29 5.74
CA GLU B 146 -16.95 5.28 6.79
C GLU B 146 -18.04 5.18 7.88
N THR B 147 -18.07 4.07 8.56
CA THR B 147 -18.87 3.63 9.68
C THR B 147 -19.66 2.36 9.37
N GLY B 155 -17.08 -2.52 11.43
CA GLY B 155 -17.06 -2.55 9.97
C GLY B 155 -15.66 -2.86 9.45
N GLN B 156 -15.05 -3.86 10.04
CA GLN B 156 -13.72 -4.34 9.68
C GLN B 156 -13.78 -5.73 9.04
N PRO B 157 -12.97 -5.96 8.02
CA PRO B 157 -13.02 -7.22 7.27
C PRO B 157 -12.38 -8.39 7.98
N SER B 158 -12.87 -9.59 7.63
CA SER B 158 -12.25 -10.79 8.15
C SER B 158 -10.91 -11.06 7.47
N VAL B 159 -10.81 -10.70 6.19
CA VAL B 159 -9.54 -10.94 5.50
C VAL B 159 -9.15 -9.73 4.61
N LEU B 160 -7.93 -9.76 4.14
CA LEU B 160 -7.42 -8.75 3.21
C LEU B 160 -8.39 -8.47 2.08
N GLN B 161 -8.61 -7.17 1.85
CA GLN B 161 -9.53 -6.75 0.80
C GLN B 161 -8.74 -6.12 -0.36
N VAL B 162 -9.35 -6.18 -1.54
CA VAL B 162 -8.73 -5.67 -2.76
CA VAL B 162 -8.76 -5.69 -2.77
C VAL B 162 -9.72 -4.86 -3.60
N VAL B 163 -9.26 -3.81 -4.24
CA VAL B 163 -10.19 -3.09 -5.14
C VAL B 163 -9.35 -2.50 -6.28
N ASN B 164 -9.82 -2.57 -7.53
CA ASN B 164 -9.12 -1.97 -8.66
C ASN B 164 -9.76 -0.62 -9.00
N LEU B 165 -8.93 0.38 -9.23
CA LEU B 165 -9.43 1.75 -9.39
C LEU B 165 -8.65 2.49 -10.46
N PRO B 166 -9.34 3.28 -11.28
CA PRO B 166 -8.66 4.04 -12.33
C PRO B 166 -8.05 5.34 -11.84
N ILE B 167 -6.86 5.60 -12.36
CA ILE B 167 -6.18 6.88 -12.11
C ILE B 167 -7.05 8.00 -12.67
N VAL B 168 -7.13 9.12 -11.98
CA VAL B 168 -7.96 10.27 -12.41
C VAL B 168 -7.10 11.41 -12.92
N GLU B 169 -7.63 12.15 -13.92
CA GLU B 169 -6.87 13.26 -14.46
C GLU B 169 -6.66 14.34 -13.38
N ARG B 170 -5.48 14.93 -13.40
CA ARG B 170 -5.07 15.92 -12.41
C ARG B 170 -6.08 17.05 -12.26
N PRO B 171 -6.67 17.63 -13.30
CA PRO B 171 -7.67 18.69 -13.04
C PRO B 171 -8.89 18.23 -12.28
N VAL B 172 -9.35 17.01 -12.48
CA VAL B 172 -10.49 16.46 -11.75
C VAL B 172 -10.09 16.22 -10.30
N CYS B 173 -8.89 15.69 -10.08
CA CYS B 173 -8.37 15.52 -8.73
C CYS B 173 -8.42 16.85 -7.98
N LYS B 174 -7.86 17.87 -8.61
CA LYS B 174 -7.77 19.19 -7.97
C LYS B 174 -9.16 19.80 -7.70
N ASP B 175 -10.06 19.69 -8.67
CA ASP B 175 -11.38 20.29 -8.52
C ASP B 175 -12.29 19.57 -7.56
N SER B 176 -11.85 18.42 -7.01
CA SER B 176 -12.66 17.63 -6.11
C SER B 176 -12.41 18.01 -4.66
N THR B 177 -11.45 18.93 -4.44
CA THR B 177 -11.05 19.18 -3.04
C THR B 177 -10.63 20.63 -2.91
N ARG B 178 -10.63 21.11 -1.67
CA ARG B 178 -10.07 22.39 -1.31
C ARG B 178 -8.61 22.28 -0.90
N ILE B 179 -8.09 21.08 -0.66
CA ILE B 179 -6.69 20.87 -0.31
C ILE B 179 -5.75 21.15 -1.48
N ARG B 180 -4.56 21.69 -1.20
CA ARG B 180 -3.60 22.00 -2.26
C ARG B 180 -2.92 20.69 -2.71
N ILE B 181 -3.14 20.29 -3.96
CA ILE B 181 -2.55 19.04 -4.44
C ILE B 181 -1.17 19.28 -5.02
N THR B 182 -0.23 18.36 -4.87
CA THR B 182 1.12 18.55 -5.38
C THR B 182 1.45 17.48 -6.41
N ASP B 183 2.61 17.68 -7.04
CA ASP B 183 3.15 16.73 -8.00
C ASP B 183 3.55 15.41 -7.32
N ASN B 184 3.62 15.41 -5.99
CA ASN B 184 4.02 14.17 -5.32
C ASN B 184 2.81 13.32 -4.95
N MET B 185 1.65 13.61 -5.49
CA MET B 185 0.42 12.88 -5.23
C MET B 185 -0.28 12.58 -6.55
N PHE B 186 -1.13 11.55 -6.55
CA PHE B 186 -2.08 11.37 -7.64
C PHE B 186 -3.39 10.87 -6.99
N CYS B 187 -4.48 10.96 -7.74
CA CYS B 187 -5.73 10.44 -7.16
C CYS B 187 -6.28 9.35 -8.09
N ALA B 188 -7.15 8.53 -7.49
CA ALA B 188 -7.76 7.44 -8.22
C ALA B 188 -9.15 7.11 -7.69
N GLY B 189 -9.98 6.51 -8.53
CA GLY B 189 -11.36 6.20 -8.14
C GLY B 189 -12.29 6.47 -9.32
N TYR B 190 -13.51 5.93 -9.21
CA TYR B 190 -14.48 6.15 -10.27
C TYR B 190 -15.23 7.46 -10.09
N LYS B 191 -15.71 7.97 -11.23
CA LYS B 191 -16.52 9.19 -11.15
C LYS B 191 -17.96 8.78 -10.89
N PRO B 192 -18.80 9.73 -10.45
CA PRO B 192 -20.21 9.39 -10.21
C PRO B 192 -20.82 8.88 -11.50
N ASP B 193 -20.43 9.51 -12.60
CA ASP B 193 -20.99 9.11 -13.89
C ASP B 193 -20.56 7.71 -14.30
N GLU B 194 -19.50 7.16 -13.72
CA GLU B 194 -18.95 5.93 -14.28
C GLU B 194 -19.67 4.70 -13.78
N GLY B 195 -20.43 4.82 -12.68
CA GLY B 195 -21.15 3.63 -12.23
C GLY B 195 -20.46 2.91 -11.09
N LYS B 196 -19.40 2.18 -11.40
CA LYS B 196 -18.68 1.39 -10.40
C LYS B 196 -18.19 2.24 -9.24
N ARG B 197 -17.84 1.60 -8.11
CA ARG B 197 -17.27 2.51 -7.08
C ARG B 197 -16.17 1.77 -6.33
N GLY B 198 -15.80 2.20 -5.14
CA GLY B 198 -14.69 1.66 -4.38
C GLY B 198 -13.66 2.70 -4.00
N ASP B 199 -12.98 2.41 -2.90
CA ASP B 199 -12.04 3.39 -2.36
C ASP B 199 -11.24 2.74 -1.25
N ALA B 200 -10.13 3.38 -0.90
CA ALA B 200 -9.43 3.02 0.32
C ALA B 200 -10.11 3.74 1.49
N CYS B 201 -9.75 3.36 2.70
CA CYS B 201 -10.38 4.06 3.85
C CYS B 201 -9.42 4.01 5.02
N GLU B 202 -9.86 4.54 6.18
CA GLU B 202 -9.05 4.44 7.39
C GLU B 202 -8.57 3.02 7.66
N GLY B 203 -7.31 2.85 8.01
CA GLY B 203 -6.67 1.57 8.29
C GLY B 203 -5.97 1.03 7.04
N ASP B 204 -6.31 1.57 5.86
CA ASP B 204 -5.66 1.15 4.62
C ASP B 204 -4.40 1.99 4.36
N SER B 205 -4.29 3.12 5.07
CA SER B 205 -3.13 3.98 5.11
C SER B 205 -1.82 3.19 5.00
N GLY B 206 -0.94 3.67 4.14
CA GLY B 206 0.41 3.17 3.99
C GLY B 206 0.50 1.93 3.10
N GLY B 207 -0.65 1.37 2.74
CA GLY B 207 -0.71 0.20 1.86
C GLY B 207 -0.46 0.60 0.40
N PRO B 208 -0.20 -0.39 -0.45
CA PRO B 208 0.22 -0.11 -1.83
C PRO B 208 -0.88 0.00 -2.86
N PHE B 209 -0.64 0.91 -3.80
CA PHE B 209 -1.36 1.01 -5.07
C PHE B 209 -0.43 0.40 -6.13
N VAL B 210 -0.83 -0.75 -6.68
CA VAL B 210 0.08 -1.44 -7.60
C VAL B 210 -0.54 -1.53 -9.00
N MET B 211 0.34 -1.68 -9.99
CA MET B 211 -0.06 -1.89 -11.37
C MET B 211 0.73 -3.05 -11.97
N LYS B 212 0.08 -3.82 -12.85
CA LYS B 212 0.90 -4.90 -13.46
C LYS B 212 1.40 -4.45 -14.82
N SER B 213 2.71 -4.34 -14.96
CA SER B 213 3.27 -3.85 -16.22
C SER B 213 2.97 -4.84 -17.34
N PRO B 214 2.44 -4.35 -18.45
CA PRO B 214 2.18 -5.22 -19.60
C PRO B 214 3.42 -5.45 -20.45
N PHE B 215 4.50 -4.78 -20.12
CA PHE B 215 5.80 -4.95 -20.78
C PHE B 215 6.57 -6.16 -20.25
N ASN B 216 6.56 -6.37 -18.92
CA ASN B 216 7.33 -7.50 -18.40
C ASN B 216 6.56 -8.38 -17.40
N ASN B 217 5.27 -8.08 -17.29
CA ASN B 217 4.33 -8.80 -16.44
C ASN B 217 4.73 -8.82 -14.98
N ARG B 218 5.39 -7.79 -14.48
CA ARG B 218 5.70 -7.63 -13.07
C ARG B 218 4.83 -6.56 -12.39
N TRP B 219 4.56 -6.78 -11.11
CA TRP B 219 3.78 -5.80 -10.36
C TRP B 219 4.68 -4.71 -9.81
N TYR B 220 4.23 -3.47 -9.95
CA TYR B 220 5.00 -2.33 -9.54
C TYR B 220 4.18 -1.51 -8.54
N GLN B 221 4.84 -1.01 -7.49
CA GLN B 221 4.07 -0.13 -6.60
C GLN B 221 4.21 1.33 -7.01
N MET B 222 3.11 1.88 -7.50
CA MET B 222 3.11 3.23 -8.02
C MET B 222 2.64 4.22 -6.96
N GLY B 223 1.86 3.74 -5.98
CA GLY B 223 1.42 4.74 -4.99
C GLY B 223 1.38 4.13 -3.60
N ILE B 224 1.19 5.02 -2.62
CA ILE B 224 0.93 4.63 -1.24
C ILE B 224 -0.36 5.24 -0.77
N VAL B 225 -1.26 4.50 -0.14
CA VAL B 225 -2.52 5.10 0.34
C VAL B 225 -2.23 6.23 1.29
N SER B 226 -2.69 7.44 0.99
CA SER B 226 -2.27 8.58 1.83
C SER B 226 -3.46 9.27 2.47
N TRP B 227 -4.42 9.79 1.71
CA TRP B 227 -5.48 10.57 2.34
C TRP B 227 -6.70 10.62 1.44
N GLY B 228 -7.80 11.03 2.08
CA GLY B 228 -9.08 11.04 1.38
C GLY B 228 -10.07 11.75 2.31
N GLU B 229 -11.15 12.26 1.77
CA GLU B 229 -12.14 12.98 2.58
C GLU B 229 -13.37 12.09 2.60
N GLY B 230 -13.60 11.48 3.75
CA GLY B 230 -14.57 10.40 3.89
C GLY B 230 -14.02 9.21 3.10
N CYS B 231 -14.88 8.27 2.72
CA CYS B 231 -14.44 7.12 1.93
C CYS B 231 -15.53 6.74 0.93
N ASP B 232 -15.15 6.62 -0.34
CA ASP B 232 -16.06 6.22 -1.41
C ASP B 232 -17.25 7.17 -1.52
N ARG B 233 -17.03 8.44 -1.25
CA ARG B 233 -18.03 9.46 -1.51
C ARG B 233 -18.06 9.83 -2.99
N ASP B 234 -19.27 9.96 -3.53
CA ASP B 234 -19.41 10.46 -4.89
C ASP B 234 -18.70 11.80 -5.01
N GLY B 235 -17.98 11.94 -6.13
CA GLY B 235 -17.30 13.16 -6.45
C GLY B 235 -15.98 13.42 -5.75
N LYS B 236 -15.56 12.52 -4.88
CA LYS B 236 -14.29 12.58 -4.16
C LYS B 236 -13.45 11.37 -4.57
N TYR B 237 -12.14 11.49 -4.37
CA TYR B 237 -11.19 10.52 -4.91
C TYR B 237 -10.16 10.23 -3.83
N GLY B 238 -9.58 9.02 -3.86
CA GLY B 238 -8.54 8.77 -2.87
C GLY B 238 -7.21 9.33 -3.38
N PHE B 239 -6.36 9.83 -2.48
CA PHE B 239 -5.05 10.38 -2.85
C PHE B 239 -3.95 9.43 -2.40
N TYR B 240 -2.91 9.35 -3.22
CA TYR B 240 -1.82 8.41 -3.11
C TYR B 240 -0.49 9.12 -3.26
N THR B 241 0.48 8.79 -2.42
CA THR B 241 1.84 9.28 -2.59
C THR B 241 2.41 8.77 -3.91
N HIS B 242 3.01 9.64 -4.72
CA HIS B 242 3.57 9.19 -6.01
C HIS B 242 4.96 8.63 -5.84
N VAL B 243 5.06 7.29 -5.84
CA VAL B 243 6.30 6.67 -5.38
C VAL B 243 7.47 7.06 -6.28
N PHE B 244 7.24 7.07 -7.60
CA PHE B 244 8.34 7.36 -8.53
C PHE B 244 8.93 8.75 -8.25
N ARG B 245 8.06 9.71 -7.96
CA ARG B 245 8.57 11.07 -7.72
C ARG B 245 9.51 11.17 -6.53
N LEU B 246 9.44 10.23 -5.58
CA LEU B 246 10.19 10.29 -4.35
C LEU B 246 11.27 9.21 -4.36
N LYS B 247 11.52 8.67 -5.54
CA LYS B 247 12.46 7.56 -5.67
C LYS B 247 13.89 7.92 -5.31
N LYS B 248 14.21 9.16 -5.61
CA LYS B 248 15.54 9.68 -5.30
C LYS B 248 15.80 9.48 -3.83
N TRP B 249 14.88 9.94 -2.99
CA TRP B 249 15.04 9.79 -1.54
C TRP B 249 15.06 8.33 -1.14
N ILE B 250 14.20 7.47 -1.69
CA ILE B 250 14.17 6.06 -1.30
C ILE B 250 15.55 5.39 -1.49
N GLN B 251 16.09 5.69 -2.67
CA GLN B 251 17.37 5.13 -3.09
C GLN B 251 18.52 5.57 -2.20
N LYS B 252 18.53 6.87 -1.95
CA LYS B 252 19.50 7.45 -1.02
C LYS B 252 19.44 6.68 0.30
N VAL B 253 18.26 6.61 0.91
CA VAL B 253 18.14 5.94 2.20
C VAL B 253 18.66 4.52 2.16
N ILE B 254 18.23 3.77 1.14
CA ILE B 254 18.68 2.37 1.10
C ILE B 254 20.16 2.29 0.78
N ASP B 255 20.64 3.17 -0.09
CA ASP B 255 22.04 3.18 -0.46
C ASP B 255 22.98 3.54 0.70
N GLN B 256 22.50 4.43 1.55
CA GLN B 256 23.35 5.01 2.59
C GLN B 256 22.98 4.45 3.94
N PHE B 257 22.09 3.46 3.98
CA PHE B 257 21.68 2.93 5.28
C PHE B 257 21.48 1.42 5.21
N GLY B 258 21.71 0.88 4.02
CA GLY B 258 21.58 -0.55 3.83
C GLY B 258 22.94 -1.15 3.47
N ASP C 2 -9.71 -7.51 19.59
CA ASP C 2 -10.31 -8.38 18.58
C ASP C 2 -9.24 -9.22 17.87
N PHE C 3 -8.00 -8.91 18.19
CA PHE C 3 -6.84 -9.54 17.61
C PHE C 3 -6.37 -10.74 18.40
N GLU C 4 -6.16 -11.84 17.69
CA GLU C 4 -5.59 -13.02 18.34
C GLU C 4 -4.26 -12.55 18.93
N GLU C 5 -3.98 -12.97 20.16
CA GLU C 5 -2.72 -12.63 20.79
C GLU C 5 -1.56 -13.19 19.99
N ILE C 6 -0.46 -12.46 19.86
CA ILE C 6 0.63 -13.05 19.10
C ILE C 6 1.55 -13.79 20.06
N PRO C 7 2.37 -14.69 19.53
CA PRO C 7 3.31 -15.41 20.39
C PRO C 7 4.15 -14.42 21.19
N GLU C 8 4.34 -14.73 22.46
CA GLU C 8 5.05 -13.84 23.38
C GLU C 8 6.43 -13.51 22.87
N GLU C 9 7.02 -14.40 22.06
CA GLU C 9 8.42 -14.09 21.75
C GLU C 9 8.53 -12.86 20.87
N LEU C 11 7.95 -9.87 21.40
CA LEU C 11 8.36 -8.66 22.11
C LEU C 11 9.55 -8.97 23.01
#